data_6LZI
#
_entry.id   6LZI
#
_cell.length_a   35.017
_cell.length_b   42.906
_cell.length_c   53.845
_cell.angle_alpha   80.978
_cell.angle_beta   71.521
_cell.angle_gamma   77.707
#
_symmetry.space_group_name_H-M   'P 1'
#
loop_
_entity.id
_entity.type
_entity.pdbx_description
1 polymer 'DNA mismatch repair protein MutL'
2 non-polymer 'MAGNESIUM ION'
3 non-polymer DI(HYDROXYETHYL)ETHER
4 non-polymer "ADENOSINE-5'-DIPHOSPHATE"
5 water water
#
_entity_poly.entity_id   1
_entity_poly.type   'polypeptide(L)'
_entity_poly.pdbx_seq_one_letter_code
;MEVRKVIAAGEVIESPVDVVKELVENSLDAKATKVEVEIVKGGKRLIRVKDNGTGIHPEDVEKVVLQGATSKIETEKDLM
NISTYGFRGEALYSISSVSKFKLRSRFFQEKEGKEIEVEAGNILGTRRVGMPVGTEVEVRDLFFNLPVRRKFLKKEDTER
RKVLELIKEYALTNPEVEFTLFSEGRETLKLKKSSLKERVEEVFQTKTEELYAEREGITLRAFVSRNQRQGKYYVFINKR
PIQNKNLKEFLRKVFGYKTLVVLYAELPPFMVDFNVHPKKKEVNILKERKFLELVRELAGKEKPIVDI
;
_entity_poly.pdbx_strand_id   A
#
# COMPACT_ATOMS: atom_id res chain seq x y z
N VAL A 12 -10.11 12.99 0.44
CA VAL A 12 -9.48 11.74 0.88
C VAL A 12 -9.76 10.63 -0.10
N ILE A 13 -10.97 10.60 -0.66
CA ILE A 13 -11.33 9.49 -1.54
C ILE A 13 -11.77 10.05 -2.89
N GLU A 14 -10.88 9.98 -3.86
CA GLU A 14 -11.15 10.44 -5.23
C GLU A 14 -11.20 9.29 -6.21
N SER A 15 -10.58 8.16 -5.90
CA SER A 15 -10.44 7.09 -6.87
C SER A 15 -10.11 5.81 -6.12
N PRO A 16 -10.16 4.69 -6.81
CA PRO A 16 -9.84 3.40 -6.14
C PRO A 16 -8.50 3.37 -5.44
N VAL A 17 -7.43 3.98 -5.97
CA VAL A 17 -6.14 3.89 -5.28
C VAL A 17 -6.25 4.50 -3.88
N ASP A 18 -7.09 5.51 -3.71
CA ASP A 18 -7.17 6.15 -2.40
C ASP A 18 -7.79 5.20 -1.39
N VAL A 19 -8.77 4.44 -1.85
CA VAL A 19 -9.37 3.40 -1.04
C VAL A 19 -8.32 2.34 -0.63
N VAL A 20 -7.58 1.83 -1.60
CA VAL A 20 -6.59 0.79 -1.31
C VAL A 20 -5.61 1.32 -0.29
N LYS A 21 -5.26 2.60 -0.42
CA LYS A 21 -4.26 3.17 0.47
C LYS A 21 -4.76 3.12 1.91
N GLU A 22 -5.98 3.61 2.10
CA GLU A 22 -6.55 3.67 3.45
C GLU A 22 -6.70 2.30 3.99
N LEU A 23 -7.14 1.34 3.15
CA LEU A 23 -7.31 -0.01 3.73
C LEU A 23 -5.97 -0.64 4.10
N VAL A 24 -4.96 -0.55 3.22
CA VAL A 24 -3.70 -1.23 3.52
C VAL A 24 -3.03 -0.53 4.69
N GLU A 25 -3.19 0.79 4.77
CA GLU A 25 -2.67 1.47 5.96
C GLU A 25 -3.28 0.89 7.23
N ASN A 26 -4.60 0.58 7.20
CA ASN A 26 -5.29 0.05 8.37
C ASN A 26 -4.78 -1.35 8.67
N SER A 27 -4.51 -2.11 7.63
CA SER A 27 -3.97 -3.46 7.89
C SER A 27 -2.64 -3.40 8.58
N LEU A 28 -1.76 -2.54 8.06
CA LEU A 28 -0.42 -2.42 8.67
C LEU A 28 -0.49 -1.84 10.08
N ASP A 29 -1.38 -0.86 10.28
CA ASP A 29 -1.64 -0.35 11.63
C ASP A 29 -2.04 -1.48 12.58
N ALA A 30 -2.76 -2.48 12.07
CA ALA A 30 -3.20 -3.62 12.88
C ALA A 30 -2.20 -4.77 12.86
N LYS A 31 -0.94 -4.49 12.50
CA LYS A 31 0.24 -5.36 12.50
C LYS A 31 -0.01 -6.64 11.74
N ALA A 32 -0.63 -6.48 10.57
CA ALA A 32 -0.76 -7.63 9.67
C ALA A 32 0.61 -8.05 9.13
N THR A 33 0.84 -9.36 9.00
CA THR A 33 2.05 -9.82 8.28
C THR A 33 1.74 -10.33 6.86
N LYS A 34 0.45 -10.42 6.50
CA LYS A 34 0.05 -10.80 5.16
C LYS A 34 -1.10 -9.91 4.78
N VAL A 35 -0.92 -9.15 3.69
CA VAL A 35 -1.93 -8.26 3.16
C VAL A 35 -2.27 -8.68 1.74
N GLU A 36 -3.54 -8.91 1.48
CA GLU A 36 -3.94 -9.40 0.18
C GLU A 36 -4.89 -8.37 -0.39
N VAL A 37 -4.60 -7.91 -1.62
CA VAL A 37 -5.44 -6.95 -2.30
C VAL A 37 -6.00 -7.53 -3.58
N GLU A 38 -7.27 -7.27 -3.85
CA GLU A 38 -7.88 -7.69 -5.11
C GLU A 38 -8.64 -6.50 -5.67
N ILE A 39 -8.46 -6.23 -6.97
CA ILE A 39 -9.28 -5.22 -7.59
C ILE A 39 -9.93 -5.81 -8.82
N VAL A 40 -11.12 -5.31 -9.11
CA VAL A 40 -11.86 -5.71 -10.32
C VAL A 40 -12.24 -4.42 -10.99
N LYS A 41 -11.98 -4.31 -12.31
CA LYS A 41 -12.34 -3.19 -13.19
C LYS A 41 -11.56 -1.99 -12.67
N LYS A 44 -14.17 1.82 -9.07
CA LYS A 44 -14.21 0.64 -9.91
C LYS A 44 -15.34 -0.26 -9.55
N ARG A 45 -15.11 -1.56 -9.74
CA ARG A 45 -16.13 -2.51 -9.41
C ARG A 45 -15.97 -3.19 -8.06
N LEU A 46 -14.76 -3.61 -7.70
CA LEU A 46 -14.48 -4.15 -6.38
C LEU A 46 -13.05 -3.82 -6.00
N ILE A 47 -12.90 -3.39 -4.76
CA ILE A 47 -11.65 -3.35 -4.04
C ILE A 47 -11.84 -4.19 -2.81
N ARG A 48 -10.96 -5.18 -2.61
CA ARG A 48 -10.98 -6.07 -1.45
C ARG A 48 -9.59 -6.09 -0.84
N VAL A 49 -9.52 -5.90 0.49
CA VAL A 49 -8.26 -5.98 1.23
C VAL A 49 -8.46 -6.88 2.41
N LYS A 50 -7.64 -7.90 2.48
CA LYS A 50 -7.70 -8.94 3.46
C LYS A 50 -6.37 -8.87 4.19
N ASP A 51 -6.44 -9.00 5.50
CA ASP A 51 -5.24 -9.06 6.33
C ASP A 51 -5.41 -10.06 7.47
N ASN A 52 -4.26 -10.45 8.05
CA ASN A 52 -4.20 -11.37 9.17
C ASN A 52 -3.74 -10.65 10.44
N GLY A 53 -4.13 -9.40 10.57
CA GLY A 53 -3.84 -8.62 11.77
C GLY A 53 -4.72 -8.99 12.94
N THR A 54 -4.74 -8.11 13.90
CA THR A 54 -5.36 -8.44 15.17
C THR A 54 -6.88 -8.44 15.11
N GLY A 55 -7.46 -7.89 14.03
CA GLY A 55 -8.90 -7.78 13.94
C GLY A 55 -9.49 -6.73 14.89
N ILE A 56 -10.82 -6.74 14.90
CA ILE A 56 -11.63 -5.73 15.57
C ILE A 56 -12.63 -6.48 16.44
N HIS A 57 -12.73 -6.08 17.70
CA HIS A 57 -13.65 -6.75 18.60
C HIS A 57 -15.06 -6.57 18.05
N PRO A 58 -15.93 -7.58 18.14
CA PRO A 58 -17.31 -7.40 17.67
C PRO A 58 -17.99 -6.14 18.21
N GLU A 59 -17.74 -5.78 19.48
CA GLU A 59 -18.37 -4.58 20.04
C GLU A 59 -17.91 -3.30 19.36
N ASP A 60 -16.79 -3.33 18.61
CA ASP A 60 -16.27 -2.14 17.96
C ASP A 60 -16.52 -2.14 16.45
N VAL A 61 -16.97 -3.27 15.88
CA VAL A 61 -17.16 -3.33 14.43
C VAL A 61 -18.10 -2.22 13.97
N GLU A 62 -19.25 -2.03 14.68
CA GLU A 62 -20.25 -1.08 14.18
C GLU A 62 -19.71 0.35 14.22
N LYS A 63 -18.90 0.64 15.22
CA LYS A 63 -18.36 1.98 15.46
C LYS A 63 -17.52 2.49 14.30
N VAL A 64 -16.74 1.62 13.66
CA VAL A 64 -15.73 2.08 12.72
C VAL A 64 -16.31 2.62 11.43
N VAL A 65 -17.59 2.41 11.16
CA VAL A 65 -18.18 2.88 9.91
C VAL A 65 -18.02 4.39 9.79
N GLU A 90 -13.83 9.73 9.66
CA GLU A 90 -12.60 8.99 9.56
C GLU A 90 -12.61 8.25 8.24
N ALA A 91 -11.60 7.41 8.03
CA ALA A 91 -11.36 6.94 6.67
C ALA A 91 -12.43 5.92 6.25
N LEU A 92 -12.77 4.94 7.14
CA LEU A 92 -13.80 3.98 6.68
C LEU A 92 -15.16 4.60 6.50
N TYR A 93 -15.48 5.62 7.30
CA TYR A 93 -16.75 6.31 7.11
C TYR A 93 -16.81 6.92 5.74
N SER A 94 -15.73 7.60 5.39
CA SER A 94 -15.71 8.31 4.12
C SER A 94 -15.74 7.29 2.98
N ILE A 95 -15.12 6.10 3.14
CA ILE A 95 -15.19 5.06 2.09
C ILE A 95 -16.58 4.44 2.02
N SER A 96 -17.18 4.17 3.15
CA SER A 96 -18.49 3.49 3.12
C SER A 96 -19.60 4.39 2.63
N SER A 97 -19.38 5.70 2.70
CA SER A 97 -20.47 6.57 2.30
C SER A 97 -20.53 6.80 0.78
N VAL A 98 -19.67 6.14 0.04
CA VAL A 98 -19.44 6.43 -1.37
C VAL A 98 -19.32 5.07 -2.07
N SER A 99 -19.79 4.01 -1.42
CA SER A 99 -19.69 2.68 -1.93
C SER A 99 -20.74 1.80 -1.29
N LYS A 100 -20.81 0.61 -1.82
CA LYS A 100 -21.47 -0.56 -1.25
C LYS A 100 -20.40 -1.36 -0.52
N PHE A 101 -20.44 -1.28 0.80
CA PHE A 101 -19.29 -1.49 1.65
C PHE A 101 -19.56 -2.68 2.56
N LYS A 102 -18.66 -3.66 2.58
CA LYS A 102 -18.73 -4.64 3.65
C LYS A 102 -17.44 -4.66 4.44
N LEU A 103 -17.52 -4.81 5.73
CA LEU A 103 -16.31 -5.08 6.50
C LEU A 103 -16.56 -6.28 7.38
N ARG A 104 -15.73 -7.30 7.29
CA ARG A 104 -15.83 -8.41 8.22
C ARG A 104 -14.53 -8.50 9.01
N SER A 105 -14.62 -8.84 10.29
CA SER A 105 -13.43 -8.91 11.15
C SER A 105 -13.62 -9.90 12.30
N ARG A 106 -12.57 -10.65 12.58
CA ARG A 106 -12.52 -11.58 13.67
C ARG A 106 -11.37 -11.13 14.57
N PHE A 107 -11.70 -10.80 15.79
CA PHE A 107 -10.71 -10.33 16.75
C PHE A 107 -9.86 -11.49 17.21
N PHE A 108 -8.58 -11.23 17.50
CA PHE A 108 -7.71 -12.32 17.90
C PHE A 108 -8.25 -13.10 19.12
N GLN A 109 -9.10 -12.48 19.94
CA GLN A 109 -9.58 -13.18 21.13
C GLN A 109 -10.88 -13.95 20.89
N GLU A 110 -11.47 -13.87 19.69
CA GLU A 110 -12.80 -14.38 19.44
C GLU A 110 -12.77 -15.57 18.49
N LYS A 111 -13.73 -16.47 18.65
CA LYS A 111 -13.80 -17.62 17.75
C LYS A 111 -14.47 -17.28 16.43
N GLU A 112 -15.36 -16.29 16.44
CA GLU A 112 -16.19 -15.91 15.30
C GLU A 112 -15.89 -14.49 14.89
N GLY A 113 -16.13 -14.20 13.62
CA GLY A 113 -16.07 -12.86 13.13
C GLY A 113 -17.45 -12.22 13.08
N LYS A 114 -17.44 -10.92 12.78
CA LYS A 114 -18.65 -10.15 12.59
C LYS A 114 -18.52 -9.32 11.33
N GLU A 115 -19.63 -9.13 10.64
CA GLU A 115 -19.61 -8.44 9.36
C GLU A 115 -20.64 -7.31 9.38
N ILE A 116 -20.25 -6.13 8.92
CA ILE A 116 -21.18 -5.01 8.84
C ILE A 116 -21.29 -4.61 7.38
N GLU A 117 -22.49 -4.27 6.96
CA GLU A 117 -22.72 -3.94 5.57
C GLU A 117 -23.35 -2.54 5.50
N VAL A 118 -22.83 -1.73 4.58
CA VAL A 118 -23.23 -0.32 4.53
C VAL A 118 -23.40 0.03 3.07
N GLU A 119 -24.38 0.87 2.77
CA GLU A 119 -24.50 1.41 1.44
C GLU A 119 -24.57 2.92 1.55
N ALA A 120 -23.60 3.60 0.93
CA ALA A 120 -23.61 5.05 0.91
C ALA A 120 -23.90 5.64 2.29
N GLY A 121 -23.26 5.07 3.30
CA GLY A 121 -23.32 5.56 4.65
C GLY A 121 -24.45 4.98 5.48
N ASN A 122 -25.43 4.35 4.85
CA ASN A 122 -26.58 3.79 5.56
C ASN A 122 -26.33 2.32 5.91
N ILE A 123 -26.33 2.01 7.21
CA ILE A 123 -26.08 0.67 7.68
C ILE A 123 -27.24 -0.23 7.27
N LEU A 124 -26.93 -1.38 6.68
CA LEU A 124 -27.91 -2.32 6.20
C LEU A 124 -28.08 -3.53 7.11
N GLY A 125 -27.09 -3.82 7.94
CA GLY A 125 -27.19 -4.93 8.86
C GLY A 125 -25.80 -5.39 9.24
N THR A 126 -25.77 -6.29 10.23
CA THR A 126 -24.56 -6.98 10.66
C THR A 126 -24.89 -8.44 10.78
N ARG A 127 -23.83 -9.22 10.81
CA ARG A 127 -23.97 -10.66 10.77
C ARG A 127 -22.79 -11.29 11.48
N ARG A 128 -23.04 -12.45 12.11
CA ARG A 128 -21.93 -13.30 12.57
C ARG A 128 -21.38 -14.12 11.41
N VAL A 129 -20.06 -14.23 11.32
CA VAL A 129 -19.46 -14.89 10.16
C VAL A 129 -18.30 -15.76 10.60
N GLY A 130 -18.15 -16.93 9.96
CA GLY A 130 -16.94 -17.72 10.19
C GLY A 130 -15.80 -17.26 9.31
N MET A 131 -14.64 -16.94 9.88
CA MET A 131 -13.52 -16.42 9.11
C MET A 131 -12.26 -16.65 9.90
N PRO A 132 -11.09 -16.55 9.26
CA PRO A 132 -9.84 -16.52 10.04
C PRO A 132 -9.72 -15.21 10.83
N VAL A 133 -8.91 -15.25 11.89
CA VAL A 133 -8.56 -14.02 12.57
C VAL A 133 -8.03 -12.99 11.58
N GLY A 134 -8.48 -11.77 11.73
CA GLY A 134 -8.05 -10.66 10.89
C GLY A 134 -9.27 -9.92 10.29
N THR A 135 -9.05 -9.18 9.22
CA THR A 135 -10.06 -8.23 8.70
C THR A 135 -10.09 -8.28 7.20
N GLU A 136 -11.30 -8.22 6.62
CA GLU A 136 -11.48 -8.19 5.19
C GLU A 136 -12.48 -7.07 4.89
N VAL A 137 -12.12 -6.15 3.99
CA VAL A 137 -13.00 -5.05 3.61
C VAL A 137 -13.25 -5.17 2.12
N GLU A 138 -14.53 -5.06 1.72
CA GLU A 138 -14.92 -5.12 0.30
C GLU A 138 -15.62 -3.81 0.01
N VAL A 139 -15.10 -3.08 -0.97
CA VAL A 139 -15.67 -1.81 -1.42
C VAL A 139 -16.13 -1.98 -2.88
N ARG A 140 -17.45 -1.96 -3.07
CA ARG A 140 -18.02 -2.20 -4.40
C ARG A 140 -18.65 -0.95 -4.95
N ASP A 141 -18.63 -0.85 -6.29
CA ASP A 141 -19.36 0.16 -7.04
C ASP A 141 -19.05 1.57 -6.53
N LEU A 142 -17.75 1.86 -6.51
CA LEU A 142 -17.29 3.10 -5.88
C LEU A 142 -17.94 4.24 -6.62
N PHE A 143 -18.43 5.25 -5.86
CA PHE A 143 -19.17 6.44 -6.37
C PHE A 143 -20.44 6.08 -7.15
N PHE A 144 -21.08 4.93 -6.86
CA PHE A 144 -22.36 4.64 -7.56
C PHE A 144 -23.42 5.70 -7.29
N ASN A 145 -23.37 6.31 -6.10
CA ASN A 145 -24.19 7.42 -5.64
C ASN A 145 -23.76 8.79 -6.19
N LEU A 146 -22.62 8.86 -6.89
CA LEU A 146 -22.14 10.11 -7.52
C LEU A 146 -21.79 9.84 -8.98
N PRO A 147 -22.80 9.74 -9.86
CA PRO A 147 -22.52 9.24 -11.20
C PRO A 147 -21.58 10.13 -12.00
N VAL A 148 -21.57 11.44 -11.80
CA VAL A 148 -20.58 12.24 -12.54
C VAL A 148 -19.16 11.90 -12.07
N ARG A 149 -18.92 11.87 -10.76
CA ARG A 149 -17.61 11.48 -10.28
C ARG A 149 -17.22 10.10 -10.80
N ARG A 150 -18.19 9.18 -10.90
CA ARG A 150 -17.89 7.83 -11.38
C ARG A 150 -17.53 7.86 -12.86
N LYS A 151 -18.29 8.62 -13.65
CA LYS A 151 -18.00 8.64 -15.08
C LYS A 151 -16.69 9.35 -15.38
N PHE A 152 -16.21 10.21 -14.48
CA PHE A 152 -14.93 10.86 -14.71
C PHE A 152 -13.75 10.05 -14.20
N LEU A 153 -13.97 8.86 -13.63
CA LEU A 153 -12.82 8.06 -13.25
C LEU A 153 -12.03 7.66 -14.48
N LYS A 154 -10.75 7.39 -14.27
CA LYS A 154 -9.88 7.11 -15.38
C LYS A 154 -10.15 5.67 -15.83
N LYS A 155 -9.73 5.37 -17.07
CA LYS A 155 -9.86 4.01 -17.59
C LYS A 155 -9.31 3.00 -16.61
N GLU A 156 -9.84 1.77 -16.68
CA GLU A 156 -9.45 0.68 -15.78
C GLU A 156 -7.95 0.48 -15.77
N ASP A 157 -7.30 0.54 -16.93
CA ASP A 157 -5.89 0.19 -16.92
C ASP A 157 -5.05 1.26 -16.23
N THR A 158 -5.45 2.53 -16.31
CA THR A 158 -4.78 3.58 -15.55
C THR A 158 -5.00 3.39 -14.05
N GLU A 159 -6.23 3.06 -13.64
CA GLU A 159 -6.47 2.86 -12.21
C GLU A 159 -5.70 1.67 -11.72
N ARG A 160 -5.57 0.65 -12.57
CA ARG A 160 -4.83 -0.55 -12.18
C ARG A 160 -3.38 -0.23 -11.86
N ARG A 161 -2.75 0.56 -12.73
CA ARG A 161 -1.33 0.83 -12.55
C ARG A 161 -1.09 1.66 -11.30
N LYS A 162 -2.03 2.54 -10.95
CA LYS A 162 -1.85 3.35 -9.75
C LYS A 162 -1.89 2.48 -8.51
N VAL A 163 -2.76 1.46 -8.51
CA VAL A 163 -2.85 0.53 -7.39
C VAL A 163 -1.62 -0.36 -7.35
N LEU A 164 -1.12 -0.76 -8.52
CA LEU A 164 0.12 -1.55 -8.58
C LEU A 164 1.30 -0.79 -8.00
N GLU A 165 1.45 0.51 -8.41
CA GLU A 165 2.51 1.35 -7.87
C GLU A 165 2.38 1.56 -6.35
N LEU A 166 1.16 1.83 -5.88
CA LEU A 166 0.92 1.97 -4.44
C LEU A 166 1.35 0.73 -3.67
N ILE A 167 0.96 -0.46 -4.15
CA ILE A 167 1.32 -1.67 -3.37
C ILE A 167 2.84 -1.88 -3.39
N LYS A 168 3.49 -1.56 -4.53
CA LYS A 168 4.95 -1.61 -4.55
C LYS A 168 5.54 -0.69 -3.51
N GLU A 169 4.94 0.49 -3.37
CA GLU A 169 5.47 1.48 -2.42
C GLU A 169 5.36 1.01 -0.99
N TYR A 170 4.22 0.42 -0.62
CA TYR A 170 4.10 -0.20 0.69
C TYR A 170 5.02 -1.42 0.82
N ALA A 171 5.16 -2.19 -0.24
CA ALA A 171 6.06 -3.32 -0.07
C ALA A 171 7.51 -2.87 0.13
N LEU A 172 7.88 -1.75 -0.48
CA LEU A 172 9.26 -1.31 -0.30
C LEU A 172 9.60 -0.84 1.12
N THR A 173 8.62 -0.45 1.94
CA THR A 173 8.91 -0.05 3.31
C THR A 173 8.45 -1.07 4.33
N ASN A 174 7.94 -2.19 3.87
CA ASN A 174 7.43 -3.21 4.77
C ASN A 174 7.95 -4.56 4.36
N PRO A 175 9.26 -4.78 4.42
CA PRO A 175 9.79 -6.02 3.87
C PRO A 175 9.41 -7.21 4.70
N GLU A 176 9.02 -7.02 5.97
CA GLU A 176 8.61 -8.11 6.86
C GLU A 176 7.17 -8.55 6.54
N VAL A 177 6.50 -7.88 5.61
CA VAL A 177 5.08 -8.11 5.33
C VAL A 177 4.95 -8.76 3.97
N GLU A 178 4.06 -9.75 3.88
CA GLU A 178 3.76 -10.32 2.58
C GLU A 178 2.67 -9.50 1.92
N PHE A 179 2.81 -9.26 0.63
CA PHE A 179 1.80 -8.57 -0.14
C PHE A 179 1.42 -9.39 -1.35
N THR A 180 0.14 -9.46 -1.62
CA THR A 180 -0.33 -10.04 -2.85
C THR A 180 -1.33 -9.06 -3.46
N LEU A 181 -1.30 -8.96 -4.81
CA LEU A 181 -2.31 -8.20 -5.55
C LEU A 181 -2.85 -9.08 -6.67
N PHE A 182 -4.17 -9.26 -6.71
CA PHE A 182 -4.90 -9.82 -7.83
C PHE A 182 -5.63 -8.68 -8.55
N SER A 183 -5.47 -8.57 -9.86
CA SER A 183 -6.29 -7.63 -10.61
C SER A 183 -6.91 -8.32 -11.81
N GLU A 184 -8.22 -8.11 -11.99
CA GLU A 184 -9.04 -8.77 -13.02
C GLU A 184 -8.76 -10.26 -12.98
N GLY A 185 -8.60 -10.79 -11.77
CA GLY A 185 -8.53 -12.24 -11.61
C GLY A 185 -7.18 -12.88 -11.81
N ARG A 186 -6.14 -12.12 -12.12
CA ARG A 186 -4.79 -12.65 -12.24
C ARG A 186 -3.94 -12.16 -11.08
N GLU A 187 -3.09 -13.03 -10.56
CA GLU A 187 -2.21 -12.69 -9.45
C GLU A 187 -1.11 -11.81 -10.03
N THR A 188 -1.25 -10.48 -9.93
CA THR A 188 -0.25 -9.66 -10.60
C THR A 188 0.95 -9.27 -9.72
N LEU A 189 0.90 -9.49 -8.41
CA LEU A 189 2.06 -9.13 -7.59
C LEU A 189 2.05 -10.11 -6.42
N LYS A 190 3.21 -10.70 -6.13
CA LYS A 190 3.31 -11.60 -4.97
C LYS A 190 4.67 -11.34 -4.39
N LEU A 191 4.72 -10.80 -3.19
CA LEU A 191 5.98 -10.53 -2.50
C LEU A 191 5.97 -11.22 -1.15
N LYS A 192 6.91 -12.15 -0.91
CA LYS A 192 7.00 -12.79 0.40
C LYS A 192 7.97 -12.03 1.28
N LYS A 193 7.82 -12.30 2.56
CA LYS A 193 8.69 -11.72 3.61
C LYS A 193 10.17 -11.93 3.27
N SER A 194 11.01 -10.88 3.48
CA SER A 194 12.43 -11.02 3.18
C SER A 194 13.20 -9.83 3.75
N SER A 195 14.50 -9.80 3.46
CA SER A 195 15.30 -8.69 3.87
C SER A 195 14.92 -7.51 3.00
N LEU A 196 15.33 -6.34 3.41
CA LEU A 196 15.00 -5.16 2.60
C LEU A 196 15.62 -5.27 1.21
N LYS A 197 16.91 -5.61 1.14
CA LYS A 197 17.56 -5.71 -0.16
C LYS A 197 16.92 -6.76 -1.05
N GLU A 198 16.53 -7.92 -0.48
CA GLU A 198 15.79 -8.92 -1.24
C GLU A 198 14.46 -8.36 -1.73
N ARG A 199 13.80 -7.54 -0.89
CA ARG A 199 12.49 -6.99 -1.23
C ARG A 199 12.61 -5.94 -2.34
N VAL A 200 13.63 -5.10 -2.29
CA VAL A 200 13.88 -4.18 -3.39
C VAL A 200 14.06 -4.95 -4.69
N GLU A 201 14.86 -6.00 -4.64
CA GLU A 201 15.24 -6.69 -5.85
C GLU A 201 14.06 -7.43 -6.45
N GLU A 202 13.22 -8.04 -5.59
CA GLU A 202 12.00 -8.69 -6.07
C GLU A 202 11.09 -7.67 -6.74
N VAL A 203 10.93 -6.49 -6.13
CA VAL A 203 10.02 -5.45 -6.64
C VAL A 203 10.47 -4.98 -8.02
N PHE A 204 11.75 -4.66 -8.15
CA PHE A 204 12.22 -4.07 -9.40
C PHE A 204 12.81 -5.06 -10.39
N GLN A 205 12.85 -6.35 -10.02
CA GLN A 205 13.34 -7.44 -10.86
C GLN A 205 14.76 -7.16 -11.40
N THR A 206 15.66 -6.76 -10.51
CA THR A 206 17.01 -6.51 -10.91
C THR A 206 17.88 -6.65 -9.67
N LYS A 207 19.17 -6.86 -9.91
CA LYS A 207 20.16 -6.90 -8.84
C LYS A 207 20.64 -5.48 -8.55
N THR A 208 20.79 -5.19 -7.26
CA THR A 208 21.18 -3.87 -6.83
C THR A 208 22.45 -3.94 -6.01
N GLU A 209 23.08 -2.79 -5.89
CA GLU A 209 24.21 -2.57 -4.98
C GLU A 209 23.68 -1.66 -3.89
N GLU A 210 23.99 -2.02 -2.66
CA GLU A 210 23.55 -1.25 -1.50
C GLU A 210 24.66 -0.27 -1.13
N LEU A 211 24.27 0.99 -0.98
CA LEU A 211 25.15 2.11 -0.62
C LEU A 211 24.67 2.71 0.70
N TYR A 212 25.58 3.28 1.46
CA TYR A 212 25.22 3.78 2.79
C TYR A 212 26.06 5.01 3.11
N ALA A 213 25.46 5.98 3.82
CA ALA A 213 26.18 7.15 4.28
C ALA A 213 25.42 7.80 5.42
N GLU A 214 26.15 8.22 6.46
CA GLU A 214 25.52 8.70 7.69
C GLU A 214 26.00 10.08 8.15
N GLY A 217 23.48 12.53 12.47
CA GLY A 217 22.07 12.40 12.80
C GLY A 217 21.24 12.06 11.57
N ILE A 218 21.95 11.96 10.45
CA ILE A 218 21.36 11.81 9.12
C ILE A 218 21.84 10.50 8.53
N THR A 219 20.89 9.66 8.07
CA THR A 219 21.28 8.34 7.56
C THR A 219 20.65 8.08 6.21
N LEU A 220 21.46 7.60 5.26
CA LEU A 220 21.04 7.25 3.91
C LEU A 220 21.43 5.81 3.61
N ARG A 221 20.50 5.07 3.03
CA ARG A 221 20.72 3.73 2.52
C ARG A 221 20.05 3.70 1.15
N ALA A 222 20.82 3.45 0.10
CA ALA A 222 20.24 3.30 -1.22
C ALA A 222 20.53 1.93 -1.83
N PHE A 223 19.72 1.58 -2.82
CA PHE A 223 19.95 0.40 -3.66
C PHE A 223 19.93 0.90 -5.09
N VAL A 224 21.01 0.65 -5.83
CA VAL A 224 21.18 1.23 -7.16
C VAL A 224 21.37 0.10 -8.17
N SER A 225 20.78 0.25 -9.35
CA SER A 225 21.05 -0.68 -10.44
C SER A 225 21.16 0.13 -11.72
N ARG A 226 22.27 -0.02 -12.43
CA ARG A 226 22.65 1.04 -13.36
C ARG A 226 22.11 0.93 -14.76
N ASN A 227 21.78 -0.26 -15.26
CA ASN A 227 21.54 -0.19 -16.70
C ASN A 227 20.08 0.14 -17.00
N GLN A 228 19.17 -0.82 -16.97
CA GLN A 228 17.71 -0.56 -16.98
C GLN A 228 17.13 -0.03 -18.30
N GLY A 231 15.01 4.54 -16.19
CA GLY A 231 15.37 5.30 -15.01
C GLY A 231 14.24 5.48 -14.01
N LYS A 232 14.48 5.19 -12.72
CA LYS A 232 13.43 5.28 -11.70
C LYS A 232 14.06 5.69 -10.37
N TYR A 233 13.44 6.65 -9.66
CA TYR A 233 14.06 7.31 -8.51
C TYR A 233 13.06 7.43 -7.38
N TYR A 234 13.11 6.46 -6.46
CA TYR A 234 12.23 6.36 -5.31
C TYR A 234 12.92 6.90 -4.06
N VAL A 235 12.15 7.61 -3.25
CA VAL A 235 12.69 8.26 -2.07
C VAL A 235 11.73 8.03 -0.91
N PHE A 236 12.26 7.52 0.19
CA PHE A 236 11.48 7.30 1.39
C PHE A 236 12.19 8.07 2.48
N ILE A 237 11.52 9.07 3.06
CA ILE A 237 12.08 9.82 4.17
C ILE A 237 11.35 9.40 5.44
N ASN A 238 12.09 8.82 6.37
CA ASN A 238 11.58 8.27 7.61
C ASN A 238 10.37 7.39 7.33
N LYS A 239 10.60 6.42 6.45
CA LYS A 239 9.67 5.35 6.10
C LYS A 239 8.46 5.86 5.31
N ARG A 240 8.45 7.11 4.86
CA ARG A 240 7.29 7.54 4.09
C ARG A 240 7.68 7.88 2.65
N PRO A 241 6.84 7.58 1.68
CA PRO A 241 7.20 7.85 0.27
C PRO A 241 7.12 9.34 -0.08
N ILE A 242 8.23 9.86 -0.62
CA ILE A 242 8.38 11.26 -1.01
C ILE A 242 8.32 11.35 -2.52
N GLN A 243 7.49 12.25 -3.05
CA GLN A 243 7.39 12.46 -4.49
C GLN A 243 8.15 13.71 -4.98
N ASN A 244 8.85 14.43 -4.09
CA ASN A 244 9.48 15.70 -4.43
C ASN A 244 10.28 15.64 -5.73
N LYS A 245 10.13 16.68 -6.56
CA LYS A 245 10.83 16.73 -7.85
C LYS A 245 12.27 17.21 -7.70
N ASN A 246 12.51 18.12 -6.75
CA ASN A 246 13.85 18.58 -6.43
C ASN A 246 14.77 17.40 -6.09
N LEU A 247 14.22 16.37 -5.45
CA LEU A 247 15.06 15.25 -5.05
C LEU A 247 15.26 14.25 -6.19
N LYS A 248 14.22 13.94 -6.97
CA LYS A 248 14.37 12.95 -8.03
C LYS A 248 15.30 13.46 -9.14
N GLU A 249 15.21 14.76 -9.48
CA GLU A 249 16.10 15.33 -10.48
C GLU A 249 17.55 15.25 -10.02
N PHE A 250 17.80 15.46 -8.73
CA PHE A 250 19.16 15.41 -8.21
C PHE A 250 19.68 13.97 -8.17
N LEU A 251 18.80 13.00 -7.87
CA LEU A 251 19.19 11.59 -7.98
C LEU A 251 19.46 11.23 -9.44
N ARG A 252 18.64 11.76 -10.36
CA ARG A 252 18.95 11.61 -11.77
C ARG A 252 20.31 12.23 -12.11
N LYS A 253 20.61 13.39 -11.54
CA LYS A 253 21.86 14.05 -11.88
C LYS A 253 23.10 13.33 -11.32
N VAL A 254 23.05 12.84 -10.07
CA VAL A 254 24.26 12.20 -9.53
C VAL A 254 24.31 10.69 -9.80
N PHE A 255 23.17 10.05 -10.06
CA PHE A 255 23.08 8.75 -10.71
C PHE A 255 22.30 9.09 -12.00
N THR A 259 19.23 4.79 -14.52
CA THR A 259 19.58 4.05 -13.29
C THR A 259 18.35 3.86 -12.36
N LEU A 260 18.23 2.70 -11.72
CA LEU A 260 17.26 2.55 -10.64
C LEU A 260 17.90 3.00 -9.33
N VAL A 261 17.21 3.87 -8.59
CA VAL A 261 17.73 4.37 -7.32
C VAL A 261 16.61 4.31 -6.30
N VAL A 262 16.80 3.52 -5.23
CA VAL A 262 15.82 3.47 -4.16
C VAL A 262 16.51 4.00 -2.93
N LEU A 263 16.08 5.16 -2.46
CA LEU A 263 16.76 5.85 -1.38
C LEU A 263 15.88 5.84 -0.13
N TYR A 264 16.42 5.28 0.94
CA TYR A 264 15.81 5.32 2.26
C TYR A 264 16.57 6.34 3.11
N ALA A 265 15.92 7.45 3.39
CA ALA A 265 16.50 8.51 4.20
C ALA A 265 15.84 8.51 5.57
N GLU A 266 16.67 8.67 6.59
CA GLU A 266 16.24 8.80 7.98
C GLU A 266 16.77 10.13 8.50
N LEU A 267 15.85 11.01 8.88
CA LEU A 267 16.20 12.35 9.35
C LEU A 267 15.42 12.66 10.63
N PRO A 268 16.01 13.43 11.54
CA PRO A 268 15.25 13.90 12.70
C PRO A 268 14.19 14.89 12.26
N PRO A 269 13.03 14.94 12.96
CA PRO A 269 11.85 15.76 12.66
C PRO A 269 12.14 17.20 12.20
N PHE A 291 21.89 17.66 3.33
CA PHE A 291 21.21 16.47 2.82
C PHE A 291 21.67 16.12 1.40
N LEU A 292 21.50 17.06 0.47
CA LEU A 292 21.79 16.76 -0.94
C LEU A 292 23.29 16.57 -1.16
N GLU A 293 24.11 17.22 -0.34
CA GLU A 293 25.52 16.92 -0.29
C GLU A 293 25.76 15.44 0.05
N LEU A 294 25.15 14.96 1.14
CA LEU A 294 25.41 13.58 1.53
C LEU A 294 24.90 12.59 0.50
N VAL A 295 23.86 12.97 -0.25
CA VAL A 295 23.40 12.11 -1.33
C VAL A 295 24.44 12.02 -2.43
N ARG A 296 25.03 13.15 -2.85
CA ARG A 296 26.06 13.08 -3.87
C ARG A 296 27.33 12.41 -3.31
N GLU A 297 27.59 12.53 -2.01
CA GLU A 297 28.65 11.74 -1.37
C GLU A 297 28.33 10.24 -1.46
N LEU A 298 27.07 9.90 -1.16
CA LEU A 298 26.58 8.54 -1.32
C LEU A 298 26.77 8.01 -2.74
N ALA A 299 26.54 8.85 -3.76
CA ALA A 299 26.61 8.42 -5.14
C ALA A 299 28.01 8.01 -5.58
N GLY A 300 29.06 8.29 -4.79
CA GLY A 300 30.40 7.96 -5.18
C GLY A 300 30.84 6.65 -4.58
N LYS A 301 29.96 5.98 -3.85
CA LYS A 301 30.35 4.88 -2.99
C LYS A 301 30.18 3.51 -3.64
N GLU A 302 29.78 3.44 -4.92
CA GLU A 302 29.72 2.15 -5.60
C GLU A 302 31.09 1.48 -5.70
N LYS A 303 31.07 0.16 -5.61
CA LYS A 303 32.32 -0.59 -5.64
C LYS A 303 32.94 -0.50 -7.04
N PRO A 304 34.26 -0.57 -7.11
CA PRO A 304 34.93 -0.44 -8.43
C PRO A 304 34.44 -1.42 -9.50
N ILE A 305 34.35 -2.71 -9.19
CA ILE A 305 34.26 -3.86 -10.13
C ILE A 305 35.66 -4.25 -10.64
#